data_4UC4
#
_entry.id   4UC4
#
_cell.length_a   77.436
_cell.length_b   77.436
_cell.length_c   50.758
_cell.angle_alpha   90.000
_cell.angle_beta   90.000
_cell.angle_gamma   120.000
#
_symmetry.space_group_name_H-M   'P 31'
#
loop_
_entity.id
_entity.type
_entity.pdbx_description
1 polymer 'Lysine-specific demethylase 4B'
2 water water
#
_entity_poly.entity_id   1
_entity_poly.type   'polypeptide(L)'
_entity_poly.pdbx_seq_one_letter_code
;GSHMRAVSLGQVVITKNRNGLYYRCRVIGAASQTCYEVNFDDGSYSDNLYPESITSRDCVQLGPPSEGELVELRWTDGNL
YKAKFISSVTSHIYQVEFEDGSQLTVKRGDIFTLEEELP
;
_entity_poly.pdbx_strand_id   A,B
#
# COMPACT_ATOMS: atom_id res chain seq x y z
N ALA A 6 -7.36 14.78 -3.45
CA ALA A 6 -7.51 15.12 -2.04
C ALA A 6 -8.00 13.92 -1.19
N VAL A 7 -7.57 12.70 -1.52
CA VAL A 7 -7.94 11.50 -0.74
C VAL A 7 -6.87 11.13 0.30
N SER A 8 -7.32 10.87 1.52
CA SER A 8 -6.42 10.73 2.63
C SER A 8 -6.52 9.37 3.29
N LEU A 9 -5.43 8.97 3.96
CA LEU A 9 -5.42 7.76 4.77
C LEU A 9 -6.47 7.88 5.85
N GLY A 10 -7.29 6.85 5.97
CA GLY A 10 -8.35 6.81 6.98
C GLY A 10 -9.70 7.33 6.52
N GLN A 11 -9.71 8.02 5.38
CA GLN A 11 -10.91 8.69 4.93
C GLN A 11 -11.95 7.65 4.48
N VAL A 12 -13.23 7.91 4.76
CA VAL A 12 -14.27 6.98 4.35
C VAL A 12 -14.87 7.38 3.01
N VAL A 13 -14.71 6.49 2.05
CA VAL A 13 -15.19 6.75 0.70
C VAL A 13 -16.19 5.66 0.30
N ILE A 14 -16.68 5.75 -0.92
CA ILE A 14 -17.55 4.72 -1.48
C ILE A 14 -16.99 4.27 -2.82
N THR A 15 -17.01 2.96 -3.05
CA THR A 15 -16.60 2.42 -4.33
C THR A 15 -17.33 1.11 -4.56
N LYS A 16 -17.18 0.52 -5.74
CA LYS A 16 -17.78 -0.78 -5.99
C LYS A 16 -16.89 -1.86 -5.44
N ASN A 17 -17.48 -2.73 -4.63
CA ASN A 17 -16.83 -3.96 -4.20
C ASN A 17 -16.80 -4.90 -5.40
N ARG A 18 -16.37 -6.15 -5.19
CA ARG A 18 -16.42 -7.14 -6.25
C ARG A 18 -17.84 -7.65 -6.55
N ASN A 19 -18.81 -7.32 -5.70
CA ASN A 19 -20.21 -7.66 -5.99
C ASN A 19 -20.76 -6.75 -7.07
N GLY A 20 -20.01 -5.69 -7.36
CA GLY A 20 -20.42 -4.67 -8.31
C GLY A 20 -21.38 -3.69 -7.67
N LEU A 21 -21.51 -3.78 -6.35
CA LEU A 21 -22.40 -2.93 -5.61
C LEU A 21 -21.59 -1.92 -4.83
N TYR A 22 -22.24 -0.89 -4.33
CA TYR A 22 -21.56 0.22 -3.68
C TYR A 22 -21.54 0.11 -2.16
N TYR A 23 -20.36 0.23 -1.57
CA TYR A 23 -20.26 0.22 -0.12
C TYR A 23 -19.26 1.26 0.35
N ARG A 24 -19.43 1.66 1.60
CA ARG A 24 -18.44 2.48 2.29
C ARG A 24 -17.20 1.66 2.52
N CYS A 25 -16.06 2.29 2.35
CA CYS A 25 -14.82 1.61 2.66
C CYS A 25 -13.88 2.66 3.24
N ARG A 26 -12.73 2.21 3.74
CA ARG A 26 -11.72 3.05 4.35
C ARG A 26 -10.48 3.06 3.46
N VAL A 27 -9.90 4.23 3.22
CA VAL A 27 -8.63 4.28 2.50
C VAL A 27 -7.46 3.90 3.42
N ILE A 28 -6.78 2.81 3.09
CA ILE A 28 -5.71 2.31 3.93
C ILE A 28 -4.37 2.35 3.19
N GLY A 29 -4.43 2.72 1.91
CA GLY A 29 -3.23 2.80 1.10
C GLY A 29 -3.40 3.78 -0.05
N ALA A 30 -2.28 4.21 -0.62
CA ALA A 30 -2.31 5.11 -1.78
C ALA A 30 -0.94 5.05 -2.41
N ALA A 31 -0.89 5.21 -3.72
CA ALA A 31 0.37 5.17 -4.43
C ALA A 31 0.29 6.01 -5.67
N SER A 32 1.41 6.59 -6.05
CA SER A 32 1.48 7.26 -7.31
C SER A 32 2.24 6.31 -8.22
N GLN A 33 1.49 5.60 -9.05
CA GLN A 33 1.97 4.38 -9.68
C GLN A 33 2.29 4.54 -11.17
N THR A 34 3.46 4.05 -11.56
CA THR A 34 3.86 4.14 -12.95
C THR A 34 3.29 2.95 -13.70
N CYS A 35 2.51 3.26 -14.72
CA CYS A 35 1.87 2.22 -15.52
C CYS A 35 2.32 2.23 -16.96
N TYR A 36 2.78 1.08 -17.43
CA TYR A 36 3.23 0.92 -18.81
C TYR A 36 2.09 0.48 -19.68
N GLU A 37 2.06 0.99 -20.91
CA GLU A 37 1.15 0.51 -21.95
C GLU A 37 1.95 -0.39 -22.90
N VAL A 38 1.48 -1.60 -23.13
CA VAL A 38 2.19 -2.53 -24.01
C VAL A 38 1.24 -3.05 -25.10
N ASN A 39 1.79 -3.41 -26.26
CA ASN A 39 0.98 -3.88 -27.37
C ASN A 39 1.33 -5.32 -27.75
N PHE A 40 0.40 -6.24 -27.56
CA PHE A 40 0.63 -7.66 -27.84
C PHE A 40 0.51 -7.95 -29.34
N ASP A 41 1.06 -9.09 -29.77
CA ASP A 41 1.06 -9.45 -31.18
C ASP A 41 -0.34 -9.69 -31.73
N ASP A 42 -1.25 -10.22 -30.93
CA ASP A 42 -2.61 -10.47 -31.39
C ASP A 42 -3.39 -9.16 -31.60
N GLY A 43 -2.75 -8.02 -31.35
CA GLY A 43 -3.46 -6.76 -31.45
C GLY A 43 -4.12 -6.23 -30.17
N SER A 44 -3.95 -6.93 -29.05
CA SER A 44 -4.50 -6.45 -27.77
C SER A 44 -3.51 -5.53 -27.04
N TYR A 45 -3.97 -4.92 -25.95
CA TYR A 45 -3.17 -3.95 -25.23
C TYR A 45 -3.34 -4.19 -23.74
N SER A 46 -2.44 -3.61 -22.95
CA SER A 46 -2.67 -3.46 -21.53
C SER A 46 -2.12 -2.12 -21.10
N ASP A 47 -2.78 -1.44 -20.16
CA ASP A 47 -2.25 -0.16 -19.69
C ASP A 47 -2.02 -0.08 -18.19
N ASN A 48 -2.15 -1.20 -17.50
CA ASN A 48 -1.89 -1.24 -16.05
C ASN A 48 -0.78 -2.26 -15.77
N LEU A 49 0.25 -2.22 -16.61
CA LEU A 49 1.40 -3.06 -16.49
C LEU A 49 2.45 -2.33 -15.64
N TYR A 50 2.89 -2.96 -14.55
CA TYR A 50 3.85 -2.32 -13.68
C TYR A 50 5.25 -2.55 -14.16
N PRO A 51 6.14 -1.55 -13.97
CA PRO A 51 7.50 -1.59 -14.50
C PRO A 51 8.29 -2.86 -14.16
N GLU A 52 8.02 -3.46 -13.01
CA GLU A 52 8.72 -4.68 -12.61
C GLU A 52 8.32 -5.88 -13.44
N SER A 53 7.20 -5.78 -14.17
CA SER A 53 6.71 -6.91 -14.96
C SER A 53 7.55 -7.08 -16.20
N ILE A 54 8.34 -6.07 -16.51
CA ILE A 54 9.17 -6.14 -17.69
C ILE A 54 10.46 -6.88 -17.40
N THR A 55 10.65 -7.94 -18.16
CA THR A 55 11.64 -8.97 -17.92
C THR A 55 12.89 -8.81 -18.75
N SER A 56 12.75 -8.10 -19.86
CA SER A 56 13.85 -7.96 -20.80
C SER A 56 14.71 -6.75 -20.45
N ARG A 57 14.35 -6.07 -19.37
CA ARG A 57 15.05 -4.88 -18.89
C ARG A 57 14.63 -4.60 -17.44
N ASP A 58 15.58 -4.23 -16.60
CA ASP A 58 15.29 -3.84 -15.21
C ASP A 58 14.77 -2.41 -15.19
N CYS A 59 13.49 -2.24 -15.48
CA CYS A 59 12.88 -0.92 -15.59
C CYS A 59 12.76 -0.19 -14.25
N VAL A 60 12.85 -0.93 -13.15
CA VAL A 60 12.80 -0.33 -11.82
C VAL A 60 13.94 0.68 -11.63
N GLN A 61 15.05 0.44 -12.34
CA GLN A 61 16.22 1.30 -12.20
C GLN A 61 16.50 2.23 -13.39
N LEU A 62 16.57 1.66 -14.59
CA LEU A 62 16.91 2.43 -15.79
C LEU A 62 15.74 3.25 -16.32
N GLY A 63 14.56 2.99 -15.78
CA GLY A 63 13.38 3.67 -16.26
C GLY A 63 12.76 2.91 -17.42
N PRO A 64 11.70 3.48 -18.01
CA PRO A 64 10.94 2.82 -19.07
C PRO A 64 11.79 2.48 -20.28
N PRO A 65 11.38 1.46 -21.02
CA PRO A 65 12.10 1.18 -22.26
C PRO A 65 11.92 2.34 -23.26
N SER A 66 12.68 2.31 -24.34
CA SER A 66 12.46 3.26 -25.42
C SER A 66 11.07 3.03 -26.00
N GLU A 67 10.42 4.08 -26.48
CA GLU A 67 9.09 3.92 -27.07
C GLU A 67 9.11 3.03 -28.31
N GLY A 68 8.19 2.07 -28.37
CA GLY A 68 8.08 1.15 -29.49
C GLY A 68 8.98 -0.06 -29.30
N GLU A 69 9.82 -0.01 -28.26
CA GLU A 69 10.81 -1.04 -28.02
C GLU A 69 10.17 -2.38 -27.72
N LEU A 70 10.79 -3.42 -28.23
CA LEU A 70 10.34 -4.77 -27.96
C LEU A 70 10.78 -5.13 -26.55
N VAL A 71 9.86 -5.69 -25.78
CA VAL A 71 10.14 -6.10 -24.41
C VAL A 71 9.61 -7.49 -24.14
N GLU A 72 10.25 -8.19 -23.22
CA GLU A 72 9.65 -9.43 -22.73
C GLU A 72 9.04 -9.12 -21.38
N LEU A 73 7.81 -9.52 -21.17
CA LEU A 73 7.15 -9.21 -19.93
C LEU A 73 6.50 -10.46 -19.35
N ARG A 74 6.26 -10.40 -18.05
CA ARG A 74 5.46 -11.40 -17.38
C ARG A 74 4.02 -10.93 -17.22
N TRP A 75 3.09 -11.77 -17.67
CA TRP A 75 1.68 -11.42 -17.73
C TRP A 75 0.93 -11.97 -16.51
N THR A 76 -0.37 -11.67 -16.45
CA THR A 76 -1.24 -12.07 -15.34
C THR A 76 -1.41 -13.58 -15.17
N ASP A 77 -1.10 -14.36 -16.19
CA ASP A 77 -1.15 -15.81 -16.10
C ASP A 77 0.17 -16.42 -15.59
N GLY A 78 1.19 -15.58 -15.41
CA GLY A 78 2.47 -16.04 -14.93
C GLY A 78 3.50 -16.36 -15.99
N ASN A 79 3.09 -16.35 -17.26
CA ASN A 79 3.98 -16.68 -18.39
C ASN A 79 4.60 -15.44 -18.99
N LEU A 80 5.61 -15.64 -19.82
CA LEU A 80 6.36 -14.55 -20.42
C LEU A 80 5.95 -14.34 -21.89
N TYR A 81 5.76 -13.09 -22.27
CA TYR A 81 5.42 -12.77 -23.66
C TYR A 81 6.24 -11.60 -24.19
N LYS A 82 6.35 -11.54 -25.51
CA LYS A 82 6.92 -10.37 -26.14
C LYS A 82 5.79 -9.36 -26.26
N ALA A 83 6.13 -8.09 -26.19
CA ALA A 83 5.16 -7.02 -26.39
C ALA A 83 5.89 -5.78 -26.88
N LYS A 84 5.14 -4.80 -27.31
CA LYS A 84 5.71 -3.56 -27.77
C LYS A 84 5.37 -2.50 -26.74
N PHE A 85 6.38 -1.97 -26.06
CA PHE A 85 6.16 -0.86 -25.13
C PHE A 85 5.61 0.35 -25.89
N ILE A 86 4.50 0.92 -25.40
CA ILE A 86 3.86 2.05 -26.07
C ILE A 86 4.14 3.39 -25.37
N SER A 87 3.63 3.56 -24.16
CA SER A 87 3.82 4.77 -23.38
C SER A 87 3.83 4.50 -21.89
N SER A 88 4.21 5.52 -21.13
CA SER A 88 4.24 5.45 -19.68
C SER A 88 3.37 6.55 -19.07
N VAL A 89 2.72 6.23 -17.96
CA VAL A 89 1.76 7.13 -17.30
C VAL A 89 1.79 6.93 -15.79
N THR A 90 1.65 8.02 -15.05
CA THR A 90 1.49 7.94 -13.60
C THR A 90 0.02 8.06 -13.20
N SER A 91 -0.46 7.12 -12.40
CA SER A 91 -1.85 7.14 -11.94
C SER A 91 -1.94 7.02 -10.42
N HIS A 92 -2.88 7.74 -9.83
CA HIS A 92 -3.13 7.59 -8.41
C HIS A 92 -4.01 6.39 -8.19
N ILE A 93 -3.52 5.42 -7.40
CA ILE A 93 -4.33 4.28 -7.04
C ILE A 93 -4.38 4.16 -5.55
N TYR A 94 -5.44 3.54 -5.06
CA TYR A 94 -5.73 3.53 -3.64
C TYR A 94 -6.11 2.14 -3.19
N GLN A 95 -5.76 1.83 -1.95
CA GLN A 95 -6.13 0.58 -1.35
C GLN A 95 -7.25 0.85 -0.38
N VAL A 96 -8.37 0.18 -0.54
CA VAL A 96 -9.49 0.42 0.34
C VAL A 96 -9.90 -0.84 1.06
N GLU A 97 -10.56 -0.69 2.19
CA GLU A 97 -11.01 -1.83 2.97
C GLU A 97 -12.45 -1.65 3.41
N PHE A 98 -13.32 -2.55 2.95
CA PHE A 98 -14.73 -2.59 3.31
C PHE A 98 -14.90 -3.17 4.72
N GLU A 99 -16.09 -3.08 5.28
CA GLU A 99 -16.33 -3.54 6.65
C GLU A 99 -16.30 -5.06 6.77
N ASP A 100 -16.44 -5.72 5.61
CA ASP A 100 -16.07 -7.10 5.43
C ASP A 100 -14.73 -7.43 6.04
N GLY A 101 -13.77 -6.55 5.80
CA GLY A 101 -12.39 -6.86 6.04
C GLY A 101 -11.76 -7.15 4.69
N SER A 102 -12.60 -7.34 3.68
CA SER A 102 -12.11 -7.47 2.30
C SER A 102 -11.48 -6.18 1.83
N GLN A 103 -10.56 -6.28 0.88
CA GLN A 103 -9.90 -5.09 0.36
C GLN A 103 -9.94 -5.06 -1.15
N LEU A 104 -9.66 -3.90 -1.73
CA LEU A 104 -9.66 -3.76 -3.18
C LEU A 104 -8.69 -2.65 -3.60
N THR A 105 -8.02 -2.81 -4.73
CA THR A 105 -7.14 -1.76 -5.26
C THR A 105 -7.89 -0.95 -6.34
N VAL A 106 -7.97 0.37 -6.14
CA VAL A 106 -8.92 1.17 -6.91
C VAL A 106 -8.28 2.43 -7.49
N LYS A 107 -8.63 2.78 -8.73
CA LYS A 107 -8.16 4.02 -9.35
C LYS A 107 -8.95 5.18 -8.74
N ARG A 108 -8.31 6.35 -8.62
CA ARG A 108 -8.95 7.52 -7.98
C ARG A 108 -10.33 7.80 -8.58
N GLY A 109 -10.45 7.57 -9.88
CA GLY A 109 -11.67 7.89 -10.59
C GLY A 109 -12.87 7.03 -10.23
N ASP A 110 -12.62 5.92 -9.52
CA ASP A 110 -13.70 4.99 -9.19
C ASP A 110 -14.24 5.25 -7.79
N ILE A 111 -13.82 6.37 -7.21
CA ILE A 111 -14.07 6.66 -5.80
C ILE A 111 -14.98 7.86 -5.59
N PHE A 112 -16.10 7.64 -4.91
CA PHE A 112 -16.98 8.74 -4.55
C PHE A 112 -16.62 9.21 -3.16
N THR A 113 -16.56 10.52 -2.99
CA THR A 113 -16.14 11.10 -1.72
C THR A 113 -17.23 12.01 -1.12
N LEU A 114 -17.17 12.20 0.19
CA LEU A 114 -18.16 12.98 0.93
C LEU A 114 -17.91 14.47 0.83
N ALA B 6 -3.62 14.95 7.15
CA ALA B 6 -4.11 15.36 5.84
C ALA B 6 -3.01 15.40 4.77
N VAL B 7 -2.09 14.43 4.78
CA VAL B 7 -0.96 14.44 3.84
C VAL B 7 -1.32 13.62 2.62
N SER B 8 -1.14 14.19 1.43
CA SER B 8 -1.67 13.56 0.23
C SER B 8 -0.65 13.28 -0.89
N LEU B 9 -1.04 12.44 -1.84
CA LEU B 9 -0.22 12.13 -3.01
C LEU B 9 0.13 13.38 -3.79
N GLY B 10 1.39 13.52 -4.17
CA GLY B 10 1.85 14.64 -4.96
C GLY B 10 2.23 15.85 -4.13
N GLN B 11 1.84 15.83 -2.85
CA GLN B 11 2.07 16.96 -1.98
C GLN B 11 3.56 17.09 -1.75
N VAL B 12 4.03 18.32 -1.71
CA VAL B 12 5.43 18.57 -1.47
C VAL B 12 5.65 18.88 0.00
N VAL B 13 6.46 18.05 0.64
CA VAL B 13 6.74 18.18 2.05
C VAL B 13 8.24 18.33 2.23
N ILE B 14 8.64 18.49 3.48
CA ILE B 14 10.04 18.50 3.78
C ILE B 14 10.32 17.41 4.80
N THR B 15 11.36 16.63 4.51
CA THR B 15 11.78 15.64 5.47
C THR B 15 13.28 15.42 5.32
N LYS B 16 13.84 14.63 6.23
CA LYS B 16 15.24 14.28 6.19
C LYS B 16 15.59 13.33 5.03
N ASN B 17 16.73 13.62 4.44
CA ASN B 17 17.40 12.89 3.37
C ASN B 17 17.96 11.53 3.78
N ARG B 18 18.59 10.84 2.83
CA ARG B 18 19.44 9.70 3.17
C ARG B 18 20.73 10.19 3.86
N ASN B 19 21.08 11.46 3.61
CA ASN B 19 22.21 12.13 4.27
C ASN B 19 21.87 12.83 5.57
N GLY B 20 20.60 12.80 5.96
CA GLY B 20 20.17 13.39 7.22
C GLY B 20 19.98 14.89 7.15
N LEU B 21 19.72 15.40 5.95
CA LEU B 21 19.49 16.83 5.75
C LEU B 21 18.08 17.08 5.20
N TYR B 22 17.60 18.32 5.32
CA TYR B 22 16.22 18.64 4.97
C TYR B 22 16.09 19.12 3.54
N TYR B 23 15.23 18.43 2.78
CA TYR B 23 14.96 18.77 1.39
C TYR B 23 13.47 18.64 1.09
N ARG B 24 13.00 19.42 0.12
CA ARG B 24 11.65 19.25 -0.37
C ARG B 24 11.59 17.95 -1.13
N CYS B 25 10.52 17.19 -0.90
CA CYS B 25 10.28 15.98 -1.67
C CYS B 25 8.80 15.82 -1.92
N ARG B 26 8.45 14.86 -2.79
CA ARG B 26 7.08 14.64 -3.16
C ARG B 26 6.57 13.35 -2.54
N VAL B 27 5.36 13.36 -2.03
CA VAL B 27 4.73 12.14 -1.56
C VAL B 27 4.25 11.30 -2.75
N ILE B 28 4.74 10.06 -2.85
CA ILE B 28 4.37 9.18 -3.94
C ILE B 28 3.77 7.87 -3.46
N GLY B 29 3.68 7.71 -2.14
CA GLY B 29 3.04 6.56 -1.56
C GLY B 29 2.56 6.83 -0.15
N ALA B 30 1.57 6.06 0.29
CA ALA B 30 1.07 6.20 1.65
C ALA B 30 0.49 4.88 2.09
N ALA B 31 0.60 4.61 3.39
CA ALA B 31 0.03 3.39 3.95
C ALA B 31 -0.37 3.57 5.41
N SER B 32 -1.47 2.92 5.76
CA SER B 32 -1.98 2.83 7.10
C SER B 32 -1.74 1.44 7.67
N GLN B 33 -1.11 1.38 8.83
CA GLN B 33 -0.82 0.11 9.45
C GLN B 33 -1.34 0.09 10.88
N THR B 34 -2.21 -0.86 11.20
CA THR B 34 -2.71 -1.02 12.56
C THR B 34 -1.97 -2.16 13.31
N CYS B 35 -1.35 -1.84 14.44
CA CYS B 35 -0.58 -2.80 15.22
C CYS B 35 -1.11 -2.97 16.64
N TYR B 36 -1.05 -4.20 17.14
CA TYR B 36 -1.46 -4.47 18.50
C TYR B 36 -0.28 -4.67 19.45
N GLU B 37 -0.45 -4.20 20.68
CA GLU B 37 0.49 -4.50 21.75
C GLU B 37 -0.09 -5.61 22.62
N VAL B 38 0.68 -6.67 22.81
CA VAL B 38 0.23 -7.76 23.66
C VAL B 38 1.32 -8.11 24.65
N ASN B 39 0.90 -8.53 25.84
CA ASN B 39 1.82 -8.93 26.89
C ASN B 39 1.77 -10.44 27.08
N PHE B 40 2.92 -11.10 26.90
CA PHE B 40 3.02 -12.53 27.13
C PHE B 40 3.18 -12.85 28.61
N ASP B 41 3.07 -14.13 28.93
CA ASP B 41 3.28 -14.58 30.30
C ASP B 41 4.78 -14.57 30.62
N ASP B 42 5.63 -14.81 29.61
CA ASP B 42 7.10 -14.84 29.71
C ASP B 42 7.63 -13.56 30.38
N GLY B 43 6.80 -12.52 30.41
CA GLY B 43 7.23 -11.19 30.81
C GLY B 43 7.59 -10.33 29.59
N SER B 44 7.54 -10.96 28.41
CA SER B 44 7.86 -10.31 27.15
C SER B 44 6.63 -9.69 26.51
N TYR B 45 6.80 -8.98 25.41
CA TYR B 45 5.69 -8.36 24.72
C TYR B 45 6.01 -8.18 23.23
N SER B 46 4.99 -7.84 22.45
CA SER B 46 5.14 -7.46 21.05
C SER B 46 4.27 -6.25 20.76
N ASP B 47 4.75 -5.33 19.92
CA ASP B 47 3.92 -4.18 19.56
C ASP B 47 3.71 -4.04 18.05
N ASN B 48 4.14 -5.04 17.29
CA ASN B 48 3.95 -5.05 15.84
C ASN B 48 3.12 -6.26 15.45
N LEU B 49 2.12 -6.55 16.27
CA LEU B 49 1.26 -7.68 16.02
C LEU B 49 0.11 -7.26 15.13
N TYR B 50 0.02 -7.91 13.97
CA TYR B 50 -1.04 -7.56 13.04
C TYR B 50 -2.32 -8.16 13.59
N PRO B 51 -3.43 -7.43 13.45
CA PRO B 51 -4.74 -7.80 14.00
C PRO B 51 -5.25 -9.19 13.57
N GLU B 52 -4.89 -9.63 12.38
CA GLU B 52 -5.39 -10.92 11.89
C GLU B 52 -4.81 -12.09 12.69
N SER B 53 -3.75 -11.82 13.46
CA SER B 53 -3.05 -12.83 14.24
C SER B 53 -3.76 -13.19 15.53
N ILE B 54 -4.81 -12.45 15.88
CA ILE B 54 -5.58 -12.81 17.04
C ILE B 54 -6.60 -13.85 16.64
N THR B 55 -6.54 -15.01 17.29
CA THR B 55 -7.35 -16.14 16.89
C THR B 55 -8.57 -16.34 17.82
N SER B 56 -8.58 -15.68 18.97
CA SER B 56 -9.72 -15.82 19.89
C SER B 56 -10.81 -14.77 19.62
N ARG B 57 -10.58 -13.91 18.63
CA ARG B 57 -11.51 -12.84 18.25
C ARG B 57 -11.22 -12.34 16.83
N ASP B 58 -12.28 -12.23 16.02
CA ASP B 58 -12.17 -11.74 14.65
C ASP B 58 -12.05 -10.22 14.64
N CYS B 59 -10.84 -9.74 14.90
CA CYS B 59 -10.59 -8.31 15.04
C CYS B 59 -10.64 -7.55 13.71
N VAL B 60 -10.44 -8.27 12.61
CA VAL B 60 -10.48 -7.64 11.29
C VAL B 60 -11.85 -7.03 11.03
N GLN B 61 -12.88 -7.65 11.60
CA GLN B 61 -14.24 -7.15 11.44
C GLN B 61 -14.77 -6.44 12.69
N LEU B 62 -14.63 -7.09 13.84
CA LEU B 62 -15.17 -6.56 15.09
C LEU B 62 -14.29 -5.49 15.73
N GLY B 63 -13.04 -5.41 15.31
CA GLY B 63 -12.11 -4.46 15.89
C GLY B 63 -11.41 -5.04 17.11
N PRO B 64 -10.51 -4.25 17.71
CA PRO B 64 -9.62 -4.70 18.79
C PRO B 64 -10.36 -5.16 20.05
N PRO B 65 -9.72 -6.04 20.82
CA PRO B 65 -10.28 -6.54 22.07
C PRO B 65 -10.33 -5.47 23.16
N SER B 66 -11.02 -5.78 24.25
CA SER B 66 -11.04 -4.95 25.44
C SER B 66 -9.62 -4.78 25.94
N GLU B 67 -9.31 -3.60 26.47
CA GLU B 67 -8.02 -3.42 27.11
C GLU B 67 -7.87 -4.37 28.30
N GLY B 68 -6.80 -5.13 28.31
CA GLY B 68 -6.56 -6.08 29.39
C GLY B 68 -7.15 -7.45 29.10
N GLU B 69 -7.85 -7.56 27.98
CA GLU B 69 -8.56 -8.78 27.65
C GLU B 69 -7.56 -9.88 27.43
N LEU B 70 -7.86 -11.07 27.95
CA LEU B 70 -7.03 -12.24 27.69
C LEU B 70 -7.33 -12.71 26.26
N VAL B 71 -6.30 -12.93 25.46
CA VAL B 71 -6.48 -13.33 24.06
C VAL B 71 -5.56 -14.48 23.68
N GLU B 72 -5.91 -15.17 22.60
CA GLU B 72 -5.02 -16.14 22.00
C GLU B 72 -4.61 -15.63 20.62
N LEU B 73 -3.35 -15.83 20.26
CA LEU B 73 -2.86 -15.34 19.00
C LEU B 73 -1.97 -16.35 18.31
N ARG B 74 -1.85 -16.23 16.99
CA ARG B 74 -0.84 -16.99 16.27
C ARG B 74 0.42 -16.12 16.27
N TRP B 75 1.56 -16.71 16.57
CA TRP B 75 2.79 -15.96 16.70
C TRP B 75 3.68 -16.23 15.48
N THR B 76 4.82 -15.54 15.39
CA THR B 76 5.73 -15.67 14.24
C THR B 76 6.23 -17.10 14.16
N ASP B 77 5.85 -17.84 15.18
CA ASP B 77 6.11 -19.23 15.44
C ASP B 77 5.37 -20.13 14.48
N GLY B 78 4.18 -19.69 14.09
CA GLY B 78 3.25 -20.57 13.42
C GLY B 78 2.33 -21.17 14.46
N ASN B 79 2.73 -21.09 15.72
CA ASN B 79 1.94 -21.65 16.81
C ASN B 79 1.14 -20.64 17.65
N LEU B 80 0.25 -21.19 18.47
CA LEU B 80 -0.71 -20.41 19.24
C LEU B 80 -0.33 -20.28 20.69
N TYR B 81 -0.46 -19.05 21.17
CA TYR B 81 -0.14 -18.66 22.53
C TYR B 81 -1.20 -17.76 23.12
N LYS B 82 -1.23 -17.70 24.45
CA LYS B 82 -2.10 -16.79 25.20
C LYS B 82 -1.38 -15.51 25.64
N ALA B 83 -2.12 -14.41 25.64
CA ALA B 83 -1.55 -13.11 26.04
C ALA B 83 -2.62 -12.08 26.43
N LYS B 84 -2.18 -10.95 26.97
CA LYS B 84 -3.08 -9.88 27.36
C LYS B 84 -2.97 -8.76 26.34
N PHE B 85 -4.06 -8.48 25.65
CA PHE B 85 -4.15 -7.34 24.78
C PHE B 85 -3.98 -6.04 25.58
N ILE B 86 -3.03 -5.21 25.18
CA ILE B 86 -2.72 -3.97 25.89
C ILE B 86 -3.27 -2.72 25.18
N SER B 87 -2.84 -2.50 23.94
CA SER B 87 -3.27 -1.33 23.17
C SER B 87 -3.38 -1.56 21.67
N SER B 88 -4.05 -0.63 21.00
CA SER B 88 -4.08 -0.64 19.54
C SER B 88 -3.60 0.69 19.04
N VAL B 89 -2.79 0.66 17.98
CA VAL B 89 -2.22 1.86 17.40
C VAL B 89 -2.23 1.79 15.89
N THR B 90 -2.76 2.81 15.25
CA THR B 90 -2.65 2.93 13.81
C THR B 90 -1.61 3.98 13.42
N SER B 91 -0.72 3.61 12.51
CA SER B 91 0.29 4.53 12.04
C SER B 91 0.21 4.78 10.55
N HIS B 92 0.44 6.03 10.18
CA HIS B 92 0.58 6.45 8.79
C HIS B 92 2.05 6.46 8.38
N ILE B 93 2.36 5.79 7.27
CA ILE B 93 3.71 5.80 6.71
C ILE B 93 3.67 6.30 5.25
N TYR B 94 4.71 6.97 4.81
CA TYR B 94 4.69 7.58 3.50
C TYR B 94 5.98 7.30 2.73
N GLN B 95 5.83 7.30 1.42
CA GLN B 95 6.95 7.15 0.51
C GLN B 95 7.19 8.52 -0.12
N VAL B 96 8.42 9.03 -0.03
CA VAL B 96 8.70 10.32 -0.63
C VAL B 96 9.82 10.23 -1.66
N GLU B 97 9.82 11.19 -2.57
CA GLU B 97 10.81 11.24 -3.62
C GLU B 97 11.41 12.61 -3.70
N PHE B 98 12.72 12.67 -3.46
CA PHE B 98 13.46 13.91 -3.53
C PHE B 98 13.71 14.28 -4.97
N GLU B 99 14.23 15.48 -5.21
CA GLU B 99 14.48 15.92 -6.59
C GLU B 99 15.67 15.14 -7.15
N ASP B 100 16.43 14.57 -6.22
CA ASP B 100 17.38 13.49 -6.46
C ASP B 100 16.91 12.44 -7.44
N GLY B 101 15.71 11.95 -7.20
CA GLY B 101 15.31 10.66 -7.73
C GLY B 101 15.30 9.67 -6.59
N SER B 102 16.00 10.02 -5.51
CA SER B 102 16.02 9.23 -4.27
C SER B 102 14.64 9.03 -3.68
N GLN B 103 14.44 7.90 -3.04
CA GLN B 103 13.22 7.66 -2.28
C GLN B 103 13.49 7.19 -0.88
N LEU B 104 12.59 7.50 0.03
CA LEU B 104 12.65 6.88 1.33
C LEU B 104 11.28 6.73 1.94
N THR B 105 11.20 5.80 2.86
CA THR B 105 10.00 5.51 3.59
C THR B 105 10.06 6.26 4.90
N VAL B 106 9.12 7.18 5.08
CA VAL B 106 9.20 8.08 6.21
C VAL B 106 7.91 8.05 7.05
N LYS B 107 8.09 8.07 8.36
CA LYS B 107 6.99 8.05 9.30
C LYS B 107 6.32 9.41 9.31
N ARG B 108 4.99 9.42 9.47
CA ARG B 108 4.19 10.66 9.52
C ARG B 108 4.80 11.74 10.43
N GLY B 109 5.34 11.32 11.56
CA GLY B 109 5.92 12.22 12.54
C GLY B 109 7.21 12.90 12.12
N ASP B 110 7.84 12.39 11.06
CA ASP B 110 9.11 12.94 10.61
C ASP B 110 8.95 13.90 9.44
N ILE B 111 7.72 14.32 9.16
CA ILE B 111 7.41 15.07 7.95
C ILE B 111 6.93 16.46 8.28
N PHE B 112 7.59 17.47 7.70
CA PHE B 112 7.11 18.84 7.85
C PHE B 112 6.28 19.26 6.63
N THR B 113 5.17 19.94 6.86
CA THR B 113 4.30 20.32 5.74
C THR B 113 4.01 21.81 5.76
N LEU B 114 3.57 22.36 4.63
CA LEU B 114 3.19 23.77 4.58
C LEU B 114 1.77 23.96 5.12
#